data_1CY6
#
_entry.id   1CY6
#
_cell.length_a   64.630
_cell.length_b   80.720
_cell.length_c   143.530
_cell.angle_alpha   90.00
_cell.angle_beta   90.00
_cell.angle_gamma   90.00
#
_symmetry.space_group_name_H-M   'P 21 21 21'
#
loop_
_entity.id
_entity.type
_entity.pdbx_description
1 polymer 'DNA TOPOISOMERASE I'
2 non-polymer 'PHOSPHATE ION'
3 non-polymer "THYMIDINE-3'-PHOSPHATE"
4 water water
#
_entity_poly.entity_id   1
_entity_poly.type   'polypeptide(L)'
_entity_poly.pdbx_seq_one_letter_code
;GSMGKALVIVESPAKAKTINKYLGSDYVVKSSVGHIRDLPTSGSAAKKSADSTSTKTAKKPKKDERGALVNRMGVDPWHN
WEAHYEVLPGKEKVVSELKQLAEKADHIYLATDLDREGEAIAWHLREVIGGDDARYSRVVFNEITKNAIRQAFNKPGELN
IDRVNAQQARRFMDRVVGYMVSPLLWKKIARGLSAGRVQSVAVRLVVEREREIKAFVPEEFWEVDASTTTPSGEALALQV
THQNDKPFRPVNKEQTQAAVSLLEKARYSVLEREDKPTTSKPGAPFITSTLQQAASTRLGFGVKKTMMMAQRLYEAGYIT
YMRTDSTNLSQDAVNMVRGYISDNFGKKYLPESPNQYASKENSQEAHEAIRPSDVNVMAESLKDMEADAQKLYQLIWRQF
VACQMTPAKYDSTTLTVGAGDFRLKARGRILRFDGWTKVMPALRKGDEDRILPAVNKGDALTLVELTPAQHFTKPPARFS
EASLVKELEKRGIGRPSTYASIISTIQDRGYVRVENRRFYAEKMGEIVTDRLEENFRELMNYDFTAQMENSLDQVANHEA
EWKAVLDHFFSDFTQQLDKAEKDPEEGGMRPNQMVLTSI
;
_entity_poly.pdbx_strand_id   A
#
# COMPACT_ATOMS: atom_id res chain seq x y z
N GLY A 4 39.84 -16.00 -14.00
CA GLY A 4 40.64 -14.90 -13.39
C GLY A 4 39.80 -13.75 -12.88
N LYS A 5 38.64 -13.51 -13.50
CA LYS A 5 37.76 -12.43 -13.09
C LYS A 5 36.34 -12.89 -12.78
N ALA A 6 35.68 -12.16 -11.89
CA ALA A 6 34.32 -12.48 -11.48
C ALA A 6 33.23 -11.96 -12.41
N LEU A 7 32.16 -12.74 -12.52
CA LEU A 7 31.01 -12.39 -13.36
C LEU A 7 29.78 -12.06 -12.49
N VAL A 8 29.47 -10.77 -12.37
CA VAL A 8 28.33 -10.34 -11.57
C VAL A 8 27.12 -10.18 -12.50
N ILE A 9 25.99 -10.81 -12.16
CA ILE A 9 24.79 -10.71 -12.98
C ILE A 9 23.62 -10.00 -12.29
N VAL A 10 23.05 -9.01 -12.97
CA VAL A 10 21.89 -8.27 -12.45
C VAL A 10 20.80 -8.45 -13.50
N GLU A 11 19.62 -7.88 -13.30
CA GLU A 11 18.56 -8.10 -14.28
C GLU A 11 18.21 -6.95 -15.21
N SER A 12 18.89 -5.80 -15.08
CA SER A 12 18.59 -4.68 -15.97
C SER A 12 19.81 -3.85 -16.36
N PRO A 13 19.74 -3.20 -17.53
CA PRO A 13 20.85 -2.36 -18.00
C PRO A 13 21.06 -1.21 -17.01
N ALA A 14 19.96 -0.55 -16.66
CA ALA A 14 20.00 0.58 -15.73
C ALA A 14 20.67 0.18 -14.41
N LYS A 15 20.33 -1.00 -13.90
CA LYS A 15 20.92 -1.46 -12.65
C LYS A 15 22.39 -1.83 -12.83
N ALA A 16 22.74 -2.29 -14.03
CA ALA A 16 24.11 -2.68 -14.35
C ALA A 16 25.02 -1.47 -14.39
N LYS A 17 24.50 -0.37 -14.90
CA LYS A 17 25.27 0.87 -15.00
C LYS A 17 25.68 1.34 -13.61
N THR A 18 24.69 1.45 -12.71
CA THR A 18 24.94 1.94 -11.35
C THR A 18 25.83 1.04 -10.49
N ILE A 19 25.64 -0.27 -10.57
CA ILE A 19 26.45 -1.18 -9.75
C ILE A 19 27.90 -1.25 -10.21
N ASN A 20 28.15 -0.81 -11.46
CA ASN A 20 29.50 -0.82 -12.04
C ASN A 20 30.38 0.28 -11.45
N LYS A 21 29.75 1.30 -10.87
CA LYS A 21 30.50 2.41 -10.27
C LYS A 21 31.09 2.00 -8.94
N TYR A 22 30.84 0.77 -8.51
CA TYR A 22 31.35 0.37 -7.20
C TYR A 22 32.01 -1.00 -7.21
N LEU A 23 32.32 -1.49 -8.40
CA LEU A 23 32.97 -2.79 -8.57
C LEU A 23 34.30 -2.68 -9.33
N GLY A 24 35.35 -3.20 -8.72
CA GLY A 24 36.68 -3.16 -9.30
C GLY A 24 36.92 -3.79 -10.67
N SER A 25 38.18 -3.78 -11.07
CA SER A 25 38.62 -4.31 -12.36
C SER A 25 38.33 -5.80 -12.52
N ASP A 26 38.45 -6.53 -11.42
CA ASP A 26 38.22 -7.96 -11.38
C ASP A 26 36.76 -8.39 -11.54
N TYR A 27 35.85 -7.43 -11.57
CA TYR A 27 34.43 -7.75 -11.73
C TYR A 27 33.94 -7.40 -13.13
N VAL A 28 33.06 -8.24 -13.68
CA VAL A 28 32.48 -8.01 -14.99
C VAL A 28 30.97 -8.17 -14.87
N VAL A 29 30.27 -7.05 -14.79
CA VAL A 29 28.81 -7.05 -14.65
C VAL A 29 28.08 -7.23 -15.97
N LYS A 30 26.95 -7.92 -15.93
CA LYS A 30 26.16 -8.16 -17.13
C LYS A 30 24.70 -8.37 -16.72
N SER A 31 23.78 -7.70 -17.43
CA SER A 31 22.36 -7.82 -17.14
C SER A 31 21.75 -8.84 -18.08
N SER A 32 20.59 -9.39 -17.69
CA SER A 32 19.90 -10.39 -18.51
C SER A 32 18.62 -9.81 -19.10
N VAL A 33 18.55 -8.47 -19.17
CA VAL A 33 17.40 -7.76 -19.72
C VAL A 33 16.04 -8.47 -19.61
N GLY A 34 15.74 -9.00 -18.42
CA GLY A 34 14.47 -9.68 -18.24
C GLY A 34 14.54 -11.10 -17.71
N HIS A 35 13.40 -11.77 -17.71
CA HIS A 35 13.30 -13.15 -17.24
C HIS A 35 13.77 -14.12 -18.32
N ILE A 36 14.88 -14.82 -18.05
CA ILE A 36 15.44 -15.78 -19.01
C ILE A 36 14.58 -17.04 -19.17
N ARG A 37 14.00 -17.50 -18.08
CA ARG A 37 13.19 -18.72 -18.11
C ARG A 37 11.91 -18.59 -17.29
N ASP A 38 10.85 -19.31 -17.68
CA ASP A 38 9.58 -19.26 -16.97
C ASP A 38 8.57 -20.27 -17.51
N LEU A 39 7.36 -20.28 -16.95
CA LEU A 39 6.30 -21.18 -17.40
C LEU A 39 5.75 -20.76 -18.76
N PRO A 40 5.14 -21.70 -19.51
CA PRO A 40 4.60 -21.42 -20.84
C PRO A 40 3.65 -20.23 -20.97
N THR A 41 3.73 -19.54 -22.11
CA THR A 41 2.95 -18.35 -22.44
C THR A 41 3.47 -17.12 -21.70
N ASP A 64 -7.22 -38.09 -11.85
CA ASP A 64 -8.18 -37.06 -12.23
C ASP A 64 -7.46 -35.95 -13.02
N GLU A 65 -6.69 -36.34 -14.02
CA GLU A 65 -5.92 -35.38 -14.82
C GLU A 65 -6.17 -35.37 -16.34
N ARG A 66 -5.79 -34.26 -16.97
CA ARG A 66 -5.94 -34.09 -18.42
C ARG A 66 -4.64 -33.60 -19.03
N GLY A 67 -3.95 -34.48 -19.76
CA GLY A 67 -2.69 -34.11 -20.38
C GLY A 67 -2.81 -32.79 -21.13
N ALA A 68 -3.99 -32.55 -21.68
CA ALA A 68 -4.26 -31.33 -22.43
C ALA A 68 -3.98 -30.14 -21.51
N LEU A 69 -4.59 -30.20 -20.33
CA LEU A 69 -4.47 -29.16 -19.32
C LEU A 69 -3.02 -28.96 -18.85
N VAL A 70 -2.42 -30.02 -18.33
CA VAL A 70 -1.05 -29.97 -17.82
C VAL A 70 -0.08 -29.23 -18.74
N ASN A 71 -0.07 -29.63 -20.01
CA ASN A 71 0.82 -29.05 -21.01
C ASN A 71 0.66 -27.53 -21.13
N ARG A 72 -0.58 -27.06 -21.12
CA ARG A 72 -0.85 -25.63 -21.21
C ARG A 72 -0.40 -24.91 -19.94
N MET A 73 -0.70 -25.49 -18.77
CA MET A 73 -0.31 -24.90 -17.49
C MET A 73 1.20 -24.96 -17.32
N GLY A 74 1.79 -26.11 -17.65
CA GLY A 74 3.22 -26.26 -17.50
C GLY A 74 3.59 -26.64 -16.08
N VAL A 75 2.67 -27.33 -15.42
CA VAL A 75 2.87 -27.79 -14.06
C VAL A 75 1.86 -28.91 -13.89
N ASP A 76 2.30 -30.04 -13.33
CA ASP A 76 1.42 -31.20 -13.17
C ASP A 76 1.02 -31.52 -11.73
N PRO A 77 -0.14 -31.03 -11.29
CA PRO A 77 -0.61 -31.25 -9.92
C PRO A 77 -1.00 -32.69 -9.59
N TRP A 78 -0.85 -33.60 -10.55
CA TRP A 78 -1.21 -35.01 -10.32
C TRP A 78 0.02 -35.92 -10.27
N HIS A 79 1.17 -35.40 -10.68
CA HIS A 79 2.42 -36.13 -10.64
C HIS A 79 3.37 -35.29 -9.80
N ASN A 80 2.96 -35.07 -8.56
CA ASN A 80 3.70 -34.28 -7.59
C ASN A 80 4.31 -32.97 -8.06
N TRP A 81 3.55 -32.21 -8.83
CA TRP A 81 3.95 -30.90 -9.32
C TRP A 81 5.20 -30.82 -10.19
N GLU A 82 5.40 -31.78 -11.08
CA GLU A 82 6.56 -31.73 -11.96
C GLU A 82 6.31 -30.52 -12.87
N ALA A 83 7.34 -29.71 -13.05
CA ALA A 83 7.21 -28.51 -13.87
C ALA A 83 7.92 -28.59 -15.21
N HIS A 84 7.57 -27.65 -16.09
CA HIS A 84 8.14 -27.59 -17.42
C HIS A 84 8.45 -26.16 -17.80
N TYR A 85 9.55 -25.64 -17.28
CA TYR A 85 9.97 -24.27 -17.59
C TYR A 85 10.57 -24.30 -18.99
N GLU A 86 10.98 -23.15 -19.51
CA GLU A 86 11.57 -23.09 -20.85
C GLU A 86 11.97 -21.67 -21.20
N VAL A 87 13.13 -21.52 -21.84
CA VAL A 87 13.63 -20.21 -22.24
C VAL A 87 12.54 -19.38 -22.90
N LEU A 88 12.40 -18.13 -22.45
CA LEU A 88 11.38 -17.21 -22.98
C LEU A 88 11.63 -16.72 -24.40
N PRO A 89 10.56 -16.22 -25.06
CA PRO A 89 10.57 -15.69 -26.43
C PRO A 89 11.83 -14.93 -26.81
N GLY A 90 12.48 -15.38 -27.88
CA GLY A 90 13.68 -14.72 -28.36
C GLY A 90 14.77 -14.43 -27.34
N LYS A 91 14.80 -15.18 -26.24
CA LYS A 91 15.82 -14.97 -25.22
C LYS A 91 16.98 -15.94 -25.37
N GLU A 92 16.83 -16.89 -26.29
CA GLU A 92 17.83 -17.91 -26.54
C GLU A 92 19.22 -17.33 -26.87
N LYS A 93 19.25 -16.06 -27.25
CA LYS A 93 20.51 -15.43 -27.61
C LYS A 93 21.30 -14.96 -26.39
N VAL A 94 20.59 -14.42 -25.40
CA VAL A 94 21.22 -13.95 -24.18
C VAL A 94 21.77 -15.14 -23.39
N VAL A 95 21.04 -16.26 -23.43
CA VAL A 95 21.45 -17.47 -22.72
C VAL A 95 22.81 -17.87 -23.27
N SER A 96 22.96 -17.67 -24.58
CA SER A 96 24.19 -17.99 -25.28
C SER A 96 25.33 -17.08 -24.82
N GLU A 97 25.06 -15.78 -24.78
CA GLU A 97 26.06 -14.79 -24.38
C GLU A 97 26.50 -14.95 -22.92
N LEU A 98 25.63 -15.49 -22.08
CA LEU A 98 25.96 -15.68 -20.66
C LEU A 98 26.86 -16.88 -20.39
N LYS A 99 26.51 -18.02 -20.98
CA LYS A 99 27.29 -19.24 -20.79
C LYS A 99 28.78 -19.06 -21.01
N GLN A 100 29.15 -18.34 -22.09
CA GLN A 100 30.55 -18.10 -22.41
C GLN A 100 31.23 -17.16 -21.43
N LEU A 101 30.49 -16.20 -20.92
CA LEU A 101 31.05 -15.26 -19.95
C LEU A 101 31.35 -15.99 -18.64
N ALA A 102 30.56 -17.01 -18.33
CA ALA A 102 30.72 -17.80 -17.12
C ALA A 102 31.94 -18.71 -17.13
N GLU A 103 32.25 -19.30 -18.27
CA GLU A 103 33.40 -20.19 -18.34
C GLU A 103 34.72 -19.43 -18.25
N LYS A 104 34.73 -18.18 -18.70
CA LYS A 104 35.92 -17.35 -18.63
C LYS A 104 36.01 -16.69 -17.25
N ALA A 105 34.99 -16.92 -16.44
CA ALA A 105 34.92 -16.35 -15.10
C ALA A 105 35.37 -17.35 -14.04
N ASP A 106 35.84 -16.83 -12.92
CA ASP A 106 36.31 -17.65 -11.81
C ASP A 106 35.17 -17.94 -10.83
N HIS A 107 34.36 -16.92 -10.55
CA HIS A 107 33.22 -17.06 -9.64
C HIS A 107 32.04 -16.32 -10.27
N ILE A 108 30.83 -16.76 -9.94
CA ILE A 108 29.63 -16.14 -10.49
C ILE A 108 28.75 -15.58 -9.38
N TYR A 109 28.57 -14.26 -9.38
CA TYR A 109 27.76 -13.56 -8.37
C TYR A 109 26.36 -13.15 -8.85
N LEU A 110 25.35 -13.69 -8.18
CA LEU A 110 23.96 -13.41 -8.49
C LEU A 110 23.47 -12.23 -7.64
N ALA A 111 23.34 -11.07 -8.27
CA ALA A 111 22.92 -9.88 -7.54
C ALA A 111 21.51 -9.39 -7.92
N THR A 112 20.56 -10.32 -7.98
CA THR A 112 19.19 -9.97 -8.29
C THR A 112 18.62 -9.23 -7.09
N ASP A 113 17.45 -8.60 -7.23
CA ASP A 113 16.85 -7.88 -6.09
C ASP A 113 16.66 -8.82 -4.90
N LEU A 114 16.53 -8.24 -3.71
CA LEU A 114 16.43 -9.00 -2.48
C LEU A 114 15.15 -9.77 -2.12
N ASP A 115 14.05 -9.55 -2.84
CA ASP A 115 12.80 -10.24 -2.51
C ASP A 115 12.74 -11.69 -3.00
N ARG A 116 11.64 -12.38 -2.70
CA ARG A 116 11.47 -13.77 -3.12
C ARG A 116 11.53 -13.95 -4.65
N GLU A 117 10.78 -13.11 -5.37
CA GLU A 117 10.75 -13.17 -6.81
C GLU A 117 12.19 -13.12 -7.33
N GLY A 118 13.00 -12.26 -6.73
CA GLY A 118 14.40 -12.12 -7.12
C GLY A 118 15.25 -13.33 -6.80
N GLU A 119 14.93 -14.01 -5.70
CA GLU A 119 15.64 -15.22 -5.29
C GLU A 119 15.33 -16.33 -6.28
N ALA A 120 14.16 -16.24 -6.89
CA ALA A 120 13.73 -17.22 -7.87
C ALA A 120 14.43 -17.01 -9.20
N ILE A 121 14.57 -15.74 -9.59
CA ILE A 121 15.20 -15.38 -10.85
C ILE A 121 16.70 -15.66 -10.85
N ALA A 122 17.28 -15.66 -9.65
CA ALA A 122 18.69 -15.97 -9.49
C ALA A 122 18.83 -17.47 -9.68
N TRP A 123 17.87 -18.20 -9.12
CA TRP A 123 17.83 -19.66 -9.23
C TRP A 123 17.80 -20.09 -10.69
N HIS A 124 16.97 -19.41 -11.48
CA HIS A 124 16.88 -19.72 -12.91
C HIS A 124 18.19 -19.44 -13.64
N LEU A 125 18.87 -18.36 -13.27
CA LEU A 125 20.14 -18.06 -13.91
C LEU A 125 21.16 -19.18 -13.64
N ARG A 126 21.12 -19.74 -12.45
CA ARG A 126 22.03 -20.83 -12.08
C ARG A 126 21.64 -22.16 -12.75
N GLU A 127 20.34 -22.36 -12.95
CA GLU A 127 19.86 -23.59 -13.57
C GLU A 127 20.23 -23.57 -15.05
N VAL A 128 20.02 -22.43 -15.68
CA VAL A 128 20.33 -22.25 -17.08
C VAL A 128 21.82 -22.42 -17.36
N ILE A 129 22.62 -21.60 -16.69
CA ILE A 129 24.07 -21.68 -16.88
C ILE A 129 24.61 -23.06 -16.49
N GLY A 130 24.23 -23.53 -15.31
CA GLY A 130 24.69 -24.84 -14.86
C GLY A 130 26.05 -24.78 -14.16
N GLY A 131 26.56 -25.96 -13.80
CA GLY A 131 27.85 -26.01 -13.13
C GLY A 131 27.69 -26.43 -11.69
N ASP A 132 28.73 -26.19 -10.89
CA ASP A 132 28.68 -26.56 -9.48
C ASP A 132 28.25 -25.45 -8.55
N ASP A 133 27.35 -25.81 -7.65
CA ASP A 133 26.82 -24.89 -6.65
C ASP A 133 27.92 -24.02 -6.03
N ALA A 134 29.13 -24.57 -5.95
CA ALA A 134 30.27 -23.86 -5.37
C ALA A 134 30.70 -22.68 -6.22
N ARG A 135 30.31 -22.70 -7.49
CA ARG A 135 30.64 -21.65 -8.43
C ARG A 135 29.82 -20.37 -8.19
N TYR A 136 28.71 -20.50 -7.46
CA TYR A 136 27.80 -19.38 -7.21
C TYR A 136 27.65 -18.85 -5.79
N SER A 137 27.35 -17.56 -5.72
CA SER A 137 27.12 -16.84 -4.47
C SER A 137 25.93 -15.90 -4.73
N ARG A 138 25.06 -15.73 -3.75
CA ARG A 138 23.92 -14.83 -3.91
C ARG A 138 24.09 -13.70 -2.91
N VAL A 139 24.44 -12.51 -3.42
CA VAL A 139 24.64 -11.32 -2.59
C VAL A 139 23.31 -10.58 -2.35
N VAL A 140 23.26 -9.75 -1.31
CA VAL A 140 22.03 -9.02 -0.98
C VAL A 140 22.28 -7.60 -0.50
N PHE A 141 21.47 -6.66 -1.00
CA PHE A 141 21.60 -5.26 -0.60
C PHE A 141 20.26 -4.57 -0.81
N ASN A 142 19.98 -3.53 -0.02
CA ASN A 142 18.73 -2.80 -0.18
C ASN A 142 18.88 -1.38 -0.70
N GLU A 143 20.02 -1.10 -1.33
CA GLU A 143 20.32 0.19 -1.95
C GLU A 143 21.67 0.05 -2.62
N ILE A 144 21.82 0.63 -3.81
CA ILE A 144 23.07 0.50 -4.54
C ILE A 144 23.99 1.70 -4.32
N THR A 145 24.82 1.59 -3.29
CA THR A 145 25.78 2.63 -2.95
C THR A 145 27.14 1.97 -2.75
N LYS A 146 28.17 2.80 -2.63
CA LYS A 146 29.54 2.33 -2.44
C LYS A 146 29.63 1.38 -1.26
N ASN A 147 29.36 1.92 -0.07
CA ASN A 147 29.44 1.12 1.13
C ASN A 147 28.49 -0.06 1.18
N ALA A 148 27.31 0.07 0.58
CA ALA A 148 26.37 -1.04 0.60
C ALA A 148 26.85 -2.17 -0.31
N ILE A 149 27.49 -1.83 -1.42
CA ILE A 149 27.99 -2.87 -2.31
C ILE A 149 29.14 -3.62 -1.64
N ARG A 150 29.96 -2.89 -0.90
CA ARG A 150 31.11 -3.45 -0.20
C ARG A 150 30.70 -4.60 0.72
N GLN A 151 29.83 -4.32 1.70
CA GLN A 151 29.39 -5.36 2.61
C GLN A 151 28.75 -6.51 1.83
N ALA A 152 27.98 -6.17 0.81
CA ALA A 152 27.32 -7.18 -0.01
C ALA A 152 28.31 -8.18 -0.61
N PHE A 153 29.44 -7.71 -1.10
CA PHE A 153 30.42 -8.61 -1.68
C PHE A 153 31.55 -8.96 -0.73
N ASN A 154 31.45 -8.52 0.52
CA ASN A 154 32.46 -8.83 1.52
C ASN A 154 32.19 -10.20 2.13
N LYS A 155 30.97 -10.42 2.57
CA LYS A 155 30.57 -11.71 3.13
C LYS A 155 29.37 -12.10 2.28
N PRO A 156 29.62 -12.67 1.09
CA PRO A 156 28.53 -13.08 0.19
C PRO A 156 27.63 -14.08 0.89
N GLY A 157 26.69 -14.65 0.15
CA GLY A 157 25.78 -15.63 0.74
C GLY A 157 25.43 -16.75 -0.20
N GLU A 158 24.60 -17.67 0.27
CA GLU A 158 24.18 -18.81 -0.55
C GLU A 158 22.73 -18.64 -1.02
N LEU A 159 22.41 -19.28 -2.13
CA LEU A 159 21.07 -19.25 -2.68
C LEU A 159 20.19 -19.96 -1.64
N ASN A 160 19.04 -19.37 -1.31
CA ASN A 160 18.13 -19.93 -0.31
C ASN A 160 16.95 -20.67 -0.93
N ILE A 161 17.10 -21.99 -1.07
CA ILE A 161 16.09 -22.83 -1.69
C ILE A 161 14.69 -22.74 -1.08
N ASP A 162 14.60 -22.41 0.20
CA ASP A 162 13.31 -22.31 0.86
C ASP A 162 12.53 -21.12 0.31
N ARG A 163 13.24 -20.04 0.01
CA ARG A 163 12.59 -18.85 -0.51
C ARG A 163 12.16 -19.09 -1.96
N VAL A 164 13.01 -19.76 -2.71
CA VAL A 164 12.70 -20.09 -4.11
C VAL A 164 11.40 -20.92 -4.13
N ASN A 165 11.32 -21.89 -3.22
CA ASN A 165 10.15 -22.76 -3.15
C ASN A 165 8.87 -22.01 -2.77
N ALA A 166 8.95 -21.03 -1.87
CA ALA A 166 7.75 -20.29 -1.50
C ALA A 166 7.24 -19.52 -2.72
N GLN A 167 8.17 -19.01 -3.53
CA GLN A 167 7.82 -18.26 -4.74
C GLN A 167 7.18 -19.15 -5.79
N GLN A 168 7.71 -20.35 -6.01
CA GLN A 168 7.10 -21.22 -7.01
C GLN A 168 5.76 -21.77 -6.50
N ALA A 169 5.62 -21.92 -5.19
CA ALA A 169 4.37 -22.40 -4.63
C ALA A 169 3.28 -21.40 -5.02
N ARG A 170 3.54 -20.13 -4.77
CA ARG A 170 2.61 -19.05 -5.10
C ARG A 170 2.28 -19.06 -6.59
N ARG A 171 3.29 -19.15 -7.44
CA ARG A 171 3.08 -19.15 -8.87
C ARG A 171 2.24 -20.36 -9.34
N PHE A 172 2.52 -21.54 -8.79
CA PHE A 172 1.75 -22.72 -9.19
C PHE A 172 0.28 -22.61 -8.80
N MET A 173 -0.03 -22.33 -7.54
CA MET A 173 -1.44 -22.24 -7.18
C MET A 173 -2.19 -21.14 -7.95
N ASP A 174 -1.50 -20.06 -8.31
CA ASP A 174 -2.14 -19.02 -9.09
C ASP A 174 -2.48 -19.60 -10.47
N ARG A 175 -1.58 -20.43 -11.01
CA ARG A 175 -1.80 -21.07 -12.31
C ARG A 175 -3.02 -21.99 -12.23
N VAL A 176 -3.09 -22.80 -11.18
CA VAL A 176 -4.21 -23.72 -11.01
C VAL A 176 -5.54 -22.97 -11.09
N VAL A 177 -5.72 -21.97 -10.23
CA VAL A 177 -6.95 -21.18 -10.24
C VAL A 177 -7.26 -20.60 -11.62
N GLY A 178 -6.32 -19.84 -12.16
CA GLY A 178 -6.51 -19.23 -13.45
C GLY A 178 -6.98 -20.17 -14.54
N TYR A 179 -6.16 -21.17 -14.84
CA TYR A 179 -6.43 -22.13 -15.91
C TYR A 179 -7.53 -23.19 -15.67
N MET A 180 -7.97 -23.40 -14.44
CA MET A 180 -8.99 -24.41 -14.19
C MET A 180 -10.36 -23.87 -13.79
N VAL A 181 -10.40 -22.62 -13.36
CA VAL A 181 -11.65 -21.97 -12.98
C VAL A 181 -12.20 -21.22 -14.19
N SER A 182 -11.32 -20.50 -14.89
CA SER A 182 -11.70 -19.72 -16.07
C SER A 182 -12.55 -20.51 -17.06
N PRO A 183 -12.10 -21.72 -17.45
CA PRO A 183 -12.88 -22.54 -18.40
C PRO A 183 -14.31 -22.82 -17.94
N LEU A 184 -14.53 -22.92 -16.64
CA LEU A 184 -15.88 -23.16 -16.15
C LEU A 184 -16.70 -21.87 -16.39
N LEU A 185 -16.06 -20.72 -16.19
CA LEU A 185 -16.74 -19.46 -16.42
C LEU A 185 -17.15 -19.28 -17.88
N TRP A 186 -16.29 -19.68 -18.82
CA TRP A 186 -16.63 -19.54 -20.23
C TRP A 186 -17.89 -20.35 -20.56
N LYS A 187 -18.02 -21.48 -19.86
CA LYS A 187 -19.15 -22.39 -20.05
C LYS A 187 -20.44 -21.95 -19.36
N LYS A 188 -20.30 -21.34 -18.18
CA LYS A 188 -21.46 -20.91 -17.41
C LYS A 188 -21.89 -19.48 -17.67
N ILE A 189 -20.93 -18.58 -17.81
CA ILE A 189 -21.26 -17.16 -18.00
C ILE A 189 -20.98 -16.56 -19.37
N ALA A 190 -19.70 -16.48 -19.76
CA ALA A 190 -19.36 -15.89 -21.05
C ALA A 190 -17.89 -16.13 -21.37
N ARG A 191 -17.60 -16.44 -22.63
CA ARG A 191 -16.22 -16.70 -23.03
C ARG A 191 -15.37 -15.44 -22.80
N GLY A 192 -14.07 -15.64 -22.54
CA GLY A 192 -13.18 -14.52 -22.32
C GLY A 192 -12.98 -14.09 -20.87
N LEU A 193 -13.81 -14.58 -19.95
CA LEU A 193 -13.69 -14.21 -18.54
C LEU A 193 -12.47 -14.85 -17.88
N SER A 194 -11.93 -14.16 -16.87
CA SER A 194 -10.73 -14.65 -16.16
C SER A 194 -10.86 -14.68 -14.65
N ALA A 195 -10.22 -15.66 -14.02
CA ALA A 195 -10.25 -15.81 -12.57
C ALA A 195 -8.87 -15.65 -11.95
N GLY A 196 -8.85 -15.12 -10.73
CA GLY A 196 -7.59 -14.91 -10.03
C GLY A 196 -7.71 -15.25 -8.55
N ARG A 197 -6.76 -16.02 -8.04
CA ARG A 197 -6.79 -16.41 -6.64
C ARG A 197 -7.00 -15.23 -5.70
N VAL A 198 -6.22 -14.17 -5.87
CA VAL A 198 -6.37 -13.00 -5.00
C VAL A 198 -7.15 -11.92 -5.73
N GLN A 199 -7.01 -11.88 -7.05
CA GLN A 199 -7.73 -10.89 -7.84
C GLN A 199 -9.25 -10.94 -7.59
N SER A 200 -9.82 -12.15 -7.47
CA SER A 200 -11.24 -12.31 -7.23
C SER A 200 -11.67 -11.80 -5.86
N VAL A 201 -10.78 -11.91 -4.89
CA VAL A 201 -11.06 -11.46 -3.55
C VAL A 201 -11.02 -9.94 -3.54
N ALA A 202 -10.12 -9.36 -4.33
CA ALA A 202 -10.03 -7.90 -4.41
C ALA A 202 -11.29 -7.36 -5.08
N VAL A 203 -11.80 -8.05 -6.11
CA VAL A 203 -13.02 -7.58 -6.77
C VAL A 203 -14.21 -7.73 -5.84
N ARG A 204 -14.14 -8.67 -4.90
CA ARG A 204 -15.24 -8.85 -3.97
C ARG A 204 -15.40 -7.64 -3.05
N LEU A 205 -14.29 -7.05 -2.61
CA LEU A 205 -14.35 -5.89 -1.72
C LEU A 205 -15.07 -4.73 -2.39
N VAL A 206 -14.73 -4.47 -3.65
CA VAL A 206 -15.33 -3.37 -4.37
C VAL A 206 -16.80 -3.60 -4.63
N VAL A 207 -17.20 -4.86 -4.77
CA VAL A 207 -18.61 -5.17 -5.00
C VAL A 207 -19.47 -4.94 -3.74
N GLU A 208 -18.94 -5.29 -2.56
CA GLU A 208 -19.68 -5.10 -1.30
C GLU A 208 -19.86 -3.61 -1.04
N ARG A 209 -18.82 -2.84 -1.35
CA ARG A 209 -18.86 -1.39 -1.17
C ARG A 209 -19.87 -0.77 -2.13
N GLU A 210 -19.90 -1.24 -3.38
CA GLU A 210 -20.84 -0.72 -4.36
C GLU A 210 -22.25 -0.88 -3.82
N ARG A 211 -22.54 -2.06 -3.30
CA ARG A 211 -23.86 -2.36 -2.77
C ARG A 211 -24.28 -1.61 -1.50
N GLU A 212 -23.33 -1.30 -0.62
CA GLU A 212 -23.67 -0.55 0.61
C GLU A 212 -24.07 0.87 0.17
N ILE A 213 -23.35 1.38 -0.84
CA ILE A 213 -23.61 2.71 -1.37
C ILE A 213 -24.97 2.79 -2.05
N LYS A 214 -25.34 1.72 -2.75
CA LYS A 214 -26.62 1.71 -3.46
C LYS A 214 -27.78 1.49 -2.48
N ALA A 215 -27.49 0.95 -1.31
CA ALA A 215 -28.55 0.71 -0.34
C ALA A 215 -28.68 1.80 0.74
N PHE A 216 -27.81 2.81 0.68
CA PHE A 216 -27.81 3.87 1.68
C PHE A 216 -28.99 4.84 1.62
N VAL A 217 -29.59 5.09 2.78
CA VAL A 217 -30.71 6.02 2.91
C VAL A 217 -30.26 7.29 3.66
N PRO A 218 -30.00 8.40 2.95
CA PRO A 218 -29.56 9.62 3.65
C PRO A 218 -30.55 10.08 4.73
N GLU A 219 -30.03 10.49 5.89
CA GLU A 219 -30.87 10.96 6.98
C GLU A 219 -30.64 12.46 7.23
N GLU A 220 -31.71 13.15 7.63
CA GLU A 220 -31.69 14.58 7.89
C GLU A 220 -31.42 14.95 9.35
N PHE A 221 -30.55 15.93 9.56
CA PHE A 221 -30.23 16.39 10.91
C PHE A 221 -29.76 17.84 10.79
N TRP A 222 -30.06 18.65 11.81
CA TRP A 222 -29.66 20.06 11.82
C TRP A 222 -28.58 20.47 12.83
N GLU A 223 -28.01 21.65 12.61
CA GLU A 223 -26.99 22.26 13.46
C GLU A 223 -27.37 23.73 13.68
N VAL A 224 -26.91 24.32 14.78
CA VAL A 224 -27.21 25.71 15.07
C VAL A 224 -25.96 26.44 15.53
N ASP A 225 -25.60 27.50 14.84
CA ASP A 225 -24.42 28.28 15.20
C ASP A 225 -24.82 29.63 15.78
N ALA A 226 -23.86 30.35 16.34
CA ALA A 226 -24.12 31.64 16.93
C ALA A 226 -22.90 32.55 16.93
N SER A 227 -23.12 33.82 16.59
CA SER A 227 -22.04 34.80 16.62
C SER A 227 -22.36 35.76 17.76
N THR A 228 -21.39 35.98 18.63
CA THR A 228 -21.58 36.83 19.80
C THR A 228 -20.53 37.93 19.97
N THR A 229 -20.69 38.70 21.04
CA THR A 229 -19.77 39.79 21.35
C THR A 229 -19.15 39.58 22.73
N THR A 230 -17.85 39.81 22.84
CA THR A 230 -17.21 39.65 24.15
C THR A 230 -17.42 40.96 24.89
N PRO A 231 -16.94 41.04 26.15
CA PRO A 231 -17.13 42.29 26.88
C PRO A 231 -16.37 43.40 26.17
N SER A 232 -15.11 43.13 25.82
CA SER A 232 -14.29 44.12 25.12
C SER A 232 -14.89 44.46 23.75
N GLY A 233 -15.83 43.64 23.28
CA GLY A 233 -16.48 43.88 22.01
C GLY A 233 -15.93 43.10 20.81
N GLU A 234 -15.14 42.07 21.08
CA GLU A 234 -14.57 41.26 20.00
C GLU A 234 -15.52 40.12 19.59
N ALA A 235 -15.51 39.77 18.32
CA ALA A 235 -16.40 38.71 17.83
C ALA A 235 -16.01 37.32 18.30
N LEU A 236 -17.05 36.52 18.60
CA LEU A 236 -16.89 35.15 19.08
C LEU A 236 -17.90 34.25 18.36
N ALA A 237 -17.42 33.23 17.67
CA ALA A 237 -18.29 32.31 16.94
C ALA A 237 -18.53 31.04 17.75
N LEU A 238 -19.79 30.71 17.96
CA LEU A 238 -20.14 29.53 18.76
C LEU A 238 -20.99 28.49 18.05
N GLN A 239 -20.97 27.28 18.58
CA GLN A 239 -21.72 26.16 18.04
C GLN A 239 -22.47 25.48 19.19
N VAL A 240 -23.77 25.27 19.04
CA VAL A 240 -24.57 24.63 20.08
C VAL A 240 -24.24 23.14 20.15
N THR A 241 -24.11 22.62 21.37
CA THR A 241 -23.77 21.22 21.58
C THR A 241 -24.74 20.45 22.46
N HIS A 242 -25.30 21.10 23.47
CA HIS A 242 -26.23 20.44 24.39
C HIS A 242 -27.48 21.27 24.71
N GLN A 243 -28.56 20.56 25.04
CA GLN A 243 -29.84 21.16 25.42
C GLN A 243 -30.42 20.26 26.51
N ASN A 244 -30.65 20.81 27.70
CA ASN A 244 -31.16 20.01 28.80
C ASN A 244 -30.16 18.91 29.11
N ASP A 245 -28.88 19.26 29.04
CA ASP A 245 -27.80 18.33 29.32
C ASP A 245 -27.82 17.07 28.46
N LYS A 246 -28.22 17.21 27.20
CA LYS A 246 -28.26 16.11 26.25
C LYS A 246 -27.79 16.64 24.89
N PRO A 247 -27.11 15.80 24.10
CA PRO A 247 -26.60 16.21 22.79
C PRO A 247 -27.69 16.90 21.96
N PHE A 248 -27.30 17.92 21.19
CA PHE A 248 -28.24 18.66 20.37
C PHE A 248 -28.30 18.14 18.93
N ARG A 249 -29.47 17.67 18.52
CA ARG A 249 -29.61 17.17 17.15
C ARG A 249 -31.06 17.06 16.69
N PRO A 250 -31.64 18.16 16.20
CA PRO A 250 -33.03 18.13 15.73
C PRO A 250 -33.05 17.32 14.43
N VAL A 251 -34.21 16.84 14.02
CA VAL A 251 -34.29 16.06 12.79
C VAL A 251 -35.11 16.71 11.68
N ASN A 252 -35.73 17.85 11.98
CA ASN A 252 -36.55 18.55 10.98
C ASN A 252 -36.45 20.07 11.10
N LYS A 253 -37.28 20.76 10.32
CA LYS A 253 -37.27 22.22 10.31
C LYS A 253 -37.97 22.83 11.53
N GLU A 254 -39.00 22.16 12.02
CA GLU A 254 -39.74 22.68 13.17
C GLU A 254 -38.92 22.60 14.47
N GLN A 255 -38.32 21.44 14.72
CA GLN A 255 -37.51 21.24 15.92
C GLN A 255 -36.45 22.32 16.08
N THR A 256 -35.79 22.68 14.98
CA THR A 256 -34.75 23.70 15.01
C THR A 256 -35.33 25.08 15.31
N GLN A 257 -36.53 25.34 14.79
CA GLN A 257 -37.19 26.62 15.00
C GLN A 257 -37.61 26.84 16.44
N ALA A 258 -38.13 25.79 17.08
CA ALA A 258 -38.54 25.91 18.46
C ALA A 258 -37.30 26.13 19.31
N ALA A 259 -36.20 25.50 18.91
CA ALA A 259 -34.95 25.63 19.63
C ALA A 259 -34.39 27.04 19.47
N VAL A 260 -34.35 27.51 18.22
CA VAL A 260 -33.86 28.83 17.91
C VAL A 260 -34.63 29.93 18.61
N SER A 261 -35.92 29.71 18.82
CA SER A 261 -36.76 30.70 19.48
C SER A 261 -36.39 30.87 20.95
N LEU A 262 -35.95 29.79 21.59
CA LEU A 262 -35.55 29.86 23.00
C LEU A 262 -34.20 30.56 23.12
N LEU A 263 -33.28 30.24 22.22
CA LEU A 263 -31.93 30.81 22.22
C LEU A 263 -31.87 32.33 22.04
N GLU A 264 -32.87 32.90 21.37
CA GLU A 264 -32.88 34.33 21.12
C GLU A 264 -33.15 35.16 22.39
N LYS A 265 -33.78 34.55 23.39
CA LYS A 265 -34.08 35.26 24.63
C LYS A 265 -33.05 35.04 25.74
N ALA A 266 -32.38 33.89 25.72
CA ALA A 266 -31.41 33.55 26.76
C ALA A 266 -30.27 34.53 26.96
N ARG A 267 -29.68 34.49 28.15
CA ARG A 267 -28.53 35.33 28.48
C ARG A 267 -27.33 34.40 28.30
N TYR A 268 -26.27 34.88 27.64
CA TYR A 268 -25.05 34.10 27.38
C TYR A 268 -23.87 34.47 28.28
N SER A 269 -23.17 33.47 28.80
CA SER A 269 -22.00 33.71 29.64
C SER A 269 -20.99 32.56 29.58
N VAL A 270 -19.72 32.91 29.70
CA VAL A 270 -18.63 31.92 29.67
C VAL A 270 -18.72 31.00 30.89
N LEU A 271 -19.01 29.73 30.65
CA LEU A 271 -19.14 28.77 31.75
C LEU A 271 -17.81 28.13 32.17
N GLU A 272 -16.80 28.21 31.30
CA GLU A 272 -15.49 27.63 31.60
C GLU A 272 -14.43 27.86 30.51
N ARG A 273 -13.17 27.97 30.94
CA ARG A 273 -12.06 28.15 30.01
C ARG A 273 -10.94 27.17 30.29
N GLU A 274 -10.72 26.25 29.36
CA GLU A 274 -9.67 25.25 29.50
C GLU A 274 -8.49 25.60 28.59
N ASP A 275 -7.32 25.77 29.19
CA ASP A 275 -6.13 26.11 28.42
C ASP A 275 -5.11 24.99 28.53
N LYS A 276 -4.76 24.38 27.40
CA LYS A 276 -3.80 23.29 27.42
C LYS A 276 -2.90 23.15 26.20
N PRO A 277 -1.61 22.82 26.43
CA PRO A 277 -0.62 22.65 25.36
C PRO A 277 -0.75 21.29 24.70
N THR A 278 -0.75 21.28 23.37
CA THR A 278 -0.84 20.04 22.61
C THR A 278 0.37 19.93 21.69
N THR A 279 0.52 18.78 21.04
CA THR A 279 1.65 18.54 20.14
C THR A 279 1.23 17.64 18.99
N SER A 280 2.04 17.57 17.93
CA SER A 280 1.73 16.71 16.80
C SER A 280 3.03 16.16 16.27
N LYS A 281 3.17 14.84 16.33
CA LYS A 281 4.39 14.16 15.90
C LYS A 281 4.41 13.94 14.40
N PRO A 282 5.60 13.73 13.80
CA PRO A 282 5.68 13.50 12.36
C PRO A 282 5.38 12.02 12.15
N GLY A 283 5.08 11.63 10.92
CA GLY A 283 4.81 10.23 10.68
C GLY A 283 6.09 9.44 10.50
N ALA A 284 5.97 8.12 10.53
CA ALA A 284 7.10 7.22 10.34
C ALA A 284 7.57 7.29 8.88
N PRO A 285 8.75 6.72 8.58
CA PRO A 285 9.22 6.75 7.19
C PRO A 285 8.36 5.79 6.35
N PHE A 286 8.18 6.09 5.07
CA PHE A 286 7.34 5.27 4.18
C PHE A 286 7.65 3.80 4.04
N ILE A 287 6.66 3.10 3.50
CA ILE A 287 6.74 1.69 3.16
C ILE A 287 5.89 1.61 1.88
N THR A 288 5.94 0.48 1.17
CA THR A 288 5.19 0.36 -0.07
C THR A 288 3.76 0.84 0.07
N SER A 289 3.06 0.39 1.11
CA SER A 289 1.67 0.78 1.35
C SER A 289 1.51 2.29 1.47
N THR A 290 2.18 2.86 2.46
CA THR A 290 2.10 4.29 2.74
C THR A 290 2.56 5.21 1.59
N LEU A 291 3.57 4.79 0.83
CA LEU A 291 4.05 5.61 -0.29
C LEU A 291 2.93 5.79 -1.31
N GLN A 292 2.30 4.69 -1.68
CA GLN A 292 1.22 4.71 -2.64
C GLN A 292 0.09 5.61 -2.16
N GLN A 293 -0.30 5.45 -0.90
CA GLN A 293 -1.37 6.26 -0.35
C GLN A 293 -1.02 7.75 -0.39
N ALA A 294 0.19 8.09 0.01
CA ALA A 294 0.61 9.49 0.02
C ALA A 294 0.90 10.06 -1.38
N ALA A 295 1.44 9.23 -2.26
CA ALA A 295 1.75 9.68 -3.62
C ALA A 295 0.46 10.02 -4.36
N SER A 296 -0.59 9.26 -4.05
CA SER A 296 -1.92 9.41 -4.64
C SER A 296 -2.70 10.59 -4.01
N THR A 297 -2.75 10.64 -2.68
CA THR A 297 -3.48 11.72 -1.99
C THR A 297 -2.91 13.14 -2.21
N ARG A 298 -1.59 13.27 -2.16
CA ARG A 298 -0.97 14.59 -2.31
C ARG A 298 -0.46 14.93 -3.71
N LEU A 299 0.02 13.93 -4.44
CA LEU A 299 0.57 14.17 -5.77
C LEU A 299 -0.32 13.80 -6.93
N GLY A 300 -1.39 13.07 -6.65
CA GLY A 300 -2.30 12.66 -7.71
C GLY A 300 -1.81 11.51 -8.58
N PHE A 301 -0.77 10.81 -8.13
CA PHE A 301 -0.18 9.69 -8.88
C PHE A 301 -0.88 8.35 -8.60
N GLY A 302 -1.20 7.61 -9.66
CA GLY A 302 -1.82 6.32 -9.46
C GLY A 302 -0.77 5.31 -9.03
N VAL A 303 -1.20 4.23 -8.39
CA VAL A 303 -0.31 3.18 -7.90
C VAL A 303 0.76 2.75 -8.91
N LYS A 304 0.32 2.37 -10.10
CA LYS A 304 1.22 1.93 -11.16
C LYS A 304 2.30 2.97 -11.42
N LYS A 305 1.88 4.22 -11.62
CA LYS A 305 2.84 5.30 -11.87
C LYS A 305 3.86 5.43 -10.74
N THR A 306 3.39 5.37 -9.51
CA THR A 306 4.27 5.49 -8.35
C THR A 306 5.29 4.37 -8.30
N MET A 307 4.88 3.14 -8.61
CA MET A 307 5.82 2.03 -8.57
C MET A 307 6.78 1.99 -9.73
N MET A 308 6.40 2.50 -10.89
CA MET A 308 7.34 2.47 -12.00
C MET A 308 8.43 3.52 -11.77
N MET A 309 8.05 4.65 -11.19
CA MET A 309 9.01 5.71 -10.90
C MET A 309 9.92 5.41 -9.70
N ALA A 310 9.36 4.80 -8.67
CA ALA A 310 10.15 4.46 -7.50
C ALA A 310 11.24 3.47 -7.91
N GLN A 311 10.88 2.51 -8.75
CA GLN A 311 11.86 1.52 -9.21
C GLN A 311 13.02 2.15 -9.96
N ARG A 312 12.73 3.10 -10.84
CA ARG A 312 13.80 3.76 -11.57
C ARG A 312 14.72 4.53 -10.61
N LEU A 313 14.17 5.06 -9.53
CA LEU A 313 14.97 5.79 -8.57
C LEU A 313 15.89 4.83 -7.82
N TYR A 314 15.35 3.69 -7.40
CA TYR A 314 16.13 2.68 -6.69
C TYR A 314 17.29 2.17 -7.57
N GLU A 315 16.95 1.71 -8.77
CA GLU A 315 17.94 1.19 -9.71
C GLU A 315 18.99 2.24 -10.10
N ALA A 316 18.65 3.52 -9.97
CA ALA A 316 19.59 4.58 -10.30
C ALA A 316 20.47 4.94 -9.11
N GLY A 317 20.24 4.27 -7.99
CA GLY A 317 21.02 4.52 -6.78
C GLY A 317 20.62 5.69 -5.89
N TYR A 318 19.40 6.20 -6.06
CA TYR A 318 18.92 7.34 -5.26
C TYR A 318 18.10 7.00 -4.01
N ILE A 319 17.40 5.87 -4.01
CA ILE A 319 16.63 5.46 -2.84
C ILE A 319 16.79 3.97 -2.56
N THR A 320 16.38 3.55 -1.36
CA THR A 320 16.46 2.14 -0.93
C THR A 320 15.38 1.31 -1.64
N TYR A 321 15.52 -0.02 -1.60
CA TYR A 321 14.56 -0.92 -2.23
C TYR A 321 13.12 -0.44 -1.97
N MET A 322 12.28 -0.45 -2.99
CA MET A 322 10.91 0.03 -2.87
C MET A 322 9.80 -0.97 -2.53
N ARG A 323 10.17 -2.19 -2.19
CA ARG A 323 9.20 -3.22 -1.79
C ARG A 323 9.58 -3.61 -0.37
N THR A 324 8.87 -3.05 0.60
CA THR A 324 9.17 -3.33 1.99
C THR A 324 7.92 -3.11 2.79
N ASP A 325 7.99 -3.45 4.07
CA ASP A 325 6.88 -3.26 5.00
C ASP A 325 7.48 -3.11 6.38
N SER A 326 8.71 -2.59 6.42
CA SER A 326 9.43 -2.35 7.66
C SER A 326 9.79 -0.88 7.78
N THR A 327 9.60 -0.29 8.96
CA THR A 327 9.90 1.11 9.18
C THR A 327 11.27 1.31 9.84
N ASN A 328 12.13 0.31 9.73
CA ASN A 328 13.48 0.37 10.29
C ASN A 328 14.39 1.36 9.61
N LEU A 329 15.30 1.92 10.40
CA LEU A 329 16.30 2.84 9.88
C LEU A 329 17.62 2.46 10.54
N SER A 330 18.64 2.16 9.73
CA SER A 330 19.96 1.77 10.23
C SER A 330 20.63 2.95 10.93
N GLN A 331 21.58 2.65 11.81
CA GLN A 331 22.27 3.70 12.53
C GLN A 331 22.96 4.70 11.59
N ASP A 332 23.48 4.22 10.46
CA ASP A 332 24.15 5.10 9.49
C ASP A 332 23.21 6.18 8.95
N ALA A 333 22.02 5.77 8.54
CA ALA A 333 21.05 6.71 8.01
C ALA A 333 20.59 7.70 9.07
N VAL A 334 20.33 7.18 10.26
CA VAL A 334 19.89 8.02 11.38
C VAL A 334 20.96 9.05 11.76
N ASN A 335 22.23 8.67 11.64
CA ASN A 335 23.28 9.62 11.99
C ASN A 335 23.57 10.64 10.89
N MET A 336 23.36 10.26 9.63
CA MET A 336 23.60 11.23 8.58
C MET A 336 22.46 12.26 8.55
N VAL A 337 21.22 11.83 8.82
CA VAL A 337 20.09 12.75 8.81
C VAL A 337 20.09 13.66 10.03
N ARG A 338 20.45 13.13 11.20
CA ARG A 338 20.52 13.98 12.38
C ARG A 338 21.62 15.00 12.13
N GLY A 339 22.67 14.58 11.43
CA GLY A 339 23.74 15.51 11.11
C GLY A 339 23.15 16.63 10.26
N TYR A 340 22.40 16.24 9.22
CA TYR A 340 21.77 17.22 8.36
C TYR A 340 20.84 18.13 9.17
N ILE A 341 20.03 17.55 10.05
CA ILE A 341 19.10 18.36 10.84
C ILE A 341 19.76 19.43 11.69
N SER A 342 20.86 19.11 12.35
CA SER A 342 21.54 20.10 13.19
C SER A 342 22.33 21.15 12.41
N ASP A 343 22.82 20.80 11.23
CA ASP A 343 23.57 21.78 10.44
C ASP A 343 22.63 22.79 9.78
N ASN A 344 21.53 22.29 9.24
CA ASN A 344 20.56 23.11 8.52
C ASN A 344 19.34 23.64 9.26
N PHE A 345 19.06 23.16 10.46
CA PHE A 345 17.89 23.61 11.22
C PHE A 345 18.18 24.06 12.64
N GLY A 346 19.03 23.33 13.35
CA GLY A 346 19.36 23.75 14.70
C GLY A 346 19.01 22.85 15.87
N LYS A 347 19.74 23.09 16.95
CA LYS A 347 19.62 22.37 18.21
C LYS A 347 18.20 22.05 18.67
N LYS A 348 17.27 23.00 18.54
CA LYS A 348 15.90 22.77 18.98
C LYS A 348 15.08 21.82 18.11
N TYR A 349 15.60 21.43 16.94
CA TYR A 349 14.86 20.52 16.09
C TYR A 349 15.40 19.09 16.21
N LEU A 350 16.45 18.94 16.99
CA LEU A 350 17.10 17.65 17.18
C LEU A 350 16.69 16.98 18.48
N PRO A 351 16.04 15.81 18.41
CA PRO A 351 15.60 15.10 19.62
C PRO A 351 16.79 14.51 20.41
N GLU A 352 16.73 14.57 21.74
CA GLU A 352 17.82 14.06 22.57
C GLU A 352 18.34 12.74 22.01
N SER A 353 17.41 11.81 21.77
CA SER A 353 17.72 10.49 21.22
C SER A 353 16.89 10.25 19.97
N PRO A 354 17.41 9.46 19.03
CA PRO A 354 16.74 9.14 17.76
C PRO A 354 15.37 8.52 17.93
N ASN A 355 14.49 8.76 16.95
CA ASN A 355 13.15 8.20 16.94
C ASN A 355 13.21 6.80 16.34
N GLN A 356 12.75 5.83 17.11
CA GLN A 356 12.76 4.44 16.69
C GLN A 356 11.34 3.97 16.36
N TYR A 357 11.03 3.77 15.08
CA TYR A 357 9.70 3.31 14.68
C TYR A 357 9.78 1.81 14.42
N ALA A 358 8.84 1.06 14.97
CA ALA A 358 8.86 -0.40 14.79
C ALA A 358 7.44 -1.01 14.79
N ALA A 366 15.19 -6.98 9.17
CA ALA A 366 16.45 -6.95 8.42
C ALA A 366 16.32 -6.07 7.17
N HIS A 367 15.14 -5.47 7.02
CA HIS A 367 14.86 -4.59 5.89
C HIS A 367 14.78 -3.15 6.39
N GLU A 368 14.80 -2.21 5.47
CA GLU A 368 14.71 -0.80 5.82
C GLU A 368 13.50 -0.18 5.17
N ALA A 369 13.17 1.03 5.60
CA ALA A 369 12.03 1.75 5.04
C ALA A 369 12.47 2.31 3.69
N ILE A 370 11.61 3.09 3.07
CA ILE A 370 11.93 3.71 1.80
C ILE A 370 12.44 5.09 2.21
N ARG A 371 13.68 5.38 1.85
CA ARG A 371 14.29 6.66 2.23
C ARG A 371 15.39 6.99 1.21
N PRO A 372 15.90 8.22 1.25
CA PRO A 372 16.96 8.64 0.32
C PRO A 372 18.24 7.85 0.59
N SER A 373 19.08 7.71 -0.43
CA SER A 373 20.36 7.03 -0.28
C SER A 373 21.38 7.93 0.39
N ASP A 374 21.34 9.21 0.04
CA ASP A 374 22.23 10.25 0.59
C ASP A 374 21.35 11.48 0.84
N VAL A 375 21.16 11.85 2.11
CA VAL A 375 20.31 12.99 2.40
C VAL A 375 20.79 14.30 1.79
N ASN A 376 22.06 14.34 1.40
CA ASN A 376 22.61 15.57 0.85
C ASN A 376 22.38 15.80 -0.63
N VAL A 377 21.68 14.87 -1.28
CA VAL A 377 21.34 15.02 -2.69
C VAL A 377 19.91 15.50 -2.73
N MET A 378 19.70 16.70 -3.29
CA MET A 378 18.35 17.26 -3.36
C MET A 378 17.60 16.76 -4.58
N ALA A 379 16.28 16.87 -4.53
CA ALA A 379 15.40 16.46 -5.62
C ALA A 379 15.77 17.16 -6.93
N GLU A 380 16.27 18.39 -6.82
CA GLU A 380 16.64 19.17 -7.99
C GLU A 380 18.02 18.84 -8.56
N SER A 381 18.80 18.00 -7.88
CA SER A 381 20.12 17.64 -8.39
C SER A 381 20.03 16.31 -9.10
N LEU A 382 18.82 15.76 -9.16
CA LEU A 382 18.65 14.47 -9.80
C LEU A 382 18.92 14.52 -11.30
N LYS A 383 20.05 13.97 -11.70
CA LYS A 383 20.43 13.92 -13.09
C LYS A 383 19.74 12.72 -13.74
N ASP A 384 19.13 12.96 -14.91
CA ASP A 384 18.43 11.97 -15.72
C ASP A 384 17.05 11.52 -15.26
N MET A 385 16.47 12.21 -14.29
CA MET A 385 15.14 11.87 -13.80
C MET A 385 14.22 13.02 -14.19
N GLU A 386 12.98 12.72 -14.58
CA GLU A 386 12.06 13.77 -14.99
C GLU A 386 11.10 14.26 -13.92
N ALA A 387 10.50 15.41 -14.22
CA ALA A 387 9.55 16.13 -13.37
C ALA A 387 8.84 15.36 -12.26
N ASP A 388 7.99 14.42 -12.62
CA ASP A 388 7.25 13.68 -11.60
C ASP A 388 8.12 12.75 -10.76
N ALA A 389 9.18 12.18 -11.36
CA ALA A 389 10.05 11.30 -10.61
C ALA A 389 10.78 12.10 -9.54
N GLN A 390 11.03 13.38 -9.83
CA GLN A 390 11.70 14.28 -8.88
C GLN A 390 10.75 14.61 -7.72
N LYS A 391 9.47 14.83 -8.03
CA LYS A 391 8.48 15.15 -7.01
C LYS A 391 8.27 13.97 -6.06
N LEU A 392 8.47 12.75 -6.56
CA LEU A 392 8.32 11.58 -5.71
C LEU A 392 9.53 11.47 -4.77
N TYR A 393 10.73 11.81 -5.28
CA TYR A 393 11.93 11.75 -4.45
C TYR A 393 11.79 12.77 -3.33
N GLN A 394 11.28 13.95 -3.68
CA GLN A 394 11.08 15.04 -2.73
C GLN A 394 10.17 14.59 -1.61
N LEU A 395 9.04 13.98 -2.00
CA LEU A 395 8.06 13.48 -1.04
C LEU A 395 8.73 12.48 -0.09
N ILE A 396 9.59 11.62 -0.64
CA ILE A 396 10.29 10.61 0.13
C ILE A 396 11.36 11.24 1.02
N TRP A 397 12.04 12.26 0.50
CA TRP A 397 13.09 12.96 1.24
C TRP A 397 12.48 13.66 2.47
N ARG A 398 11.46 14.49 2.24
CA ARG A 398 10.78 15.21 3.32
C ARG A 398 10.27 14.32 4.46
N GLN A 399 9.63 13.20 4.11
CA GLN A 399 9.10 12.29 5.13
C GLN A 399 10.25 11.79 5.99
N PHE A 400 11.32 11.35 5.33
CA PHE A 400 12.53 10.85 6.01
C PHE A 400 13.14 11.86 6.99
N VAL A 401 13.35 13.10 6.53
CA VAL A 401 13.91 14.15 7.39
C VAL A 401 12.93 14.47 8.49
N ALA A 402 11.65 14.62 8.14
CA ALA A 402 10.66 14.96 9.15
C ALA A 402 10.63 13.94 10.29
N CYS A 403 10.72 12.65 9.97
CA CYS A 403 10.64 11.61 11.01
C CYS A 403 11.74 11.57 12.07
N GLN A 404 12.76 12.41 11.94
CA GLN A 404 13.83 12.43 12.94
C GLN A 404 13.92 13.79 13.63
N MET A 405 12.93 14.64 13.36
CA MET A 405 12.86 15.98 13.94
C MET A 405 11.90 15.99 15.13
N THR A 406 11.97 17.04 15.95
CA THR A 406 11.10 17.12 17.11
C THR A 406 9.65 17.47 16.80
N PRO A 407 8.76 17.25 17.77
CA PRO A 407 7.32 17.52 17.68
C PRO A 407 7.02 19.01 17.61
N ALA A 408 5.85 19.34 17.08
CA ALA A 408 5.38 20.71 16.96
C ALA A 408 4.48 21.00 18.16
N LYS A 409 4.65 22.16 18.76
CA LYS A 409 3.91 22.58 19.93
C LYS A 409 2.84 23.65 19.66
N TYR A 410 1.64 23.44 20.21
CA TYR A 410 0.54 24.38 20.04
C TYR A 410 -0.11 24.72 21.39
N ASP A 411 -0.81 25.85 21.42
CA ASP A 411 -1.54 26.26 22.61
C ASP A 411 -2.99 26.12 22.20
N SER A 412 -3.67 25.15 22.81
CA SER A 412 -5.07 24.90 22.51
C SER A 412 -5.98 25.55 23.53
N THR A 413 -7.17 25.95 23.07
CA THR A 413 -8.13 26.62 23.94
C THR A 413 -9.56 26.16 23.68
N THR A 414 -10.34 26.03 24.75
CA THR A 414 -11.73 25.62 24.62
C THR A 414 -12.64 26.46 25.54
N LEU A 415 -13.60 27.14 24.93
CA LEU A 415 -14.56 27.95 25.67
C LEU A 415 -15.88 27.22 25.67
N THR A 416 -16.48 27.09 26.85
CA THR A 416 -17.77 26.45 26.99
C THR A 416 -18.72 27.56 27.46
N VAL A 417 -19.80 27.76 26.72
CA VAL A 417 -20.74 28.82 27.05
C VAL A 417 -22.10 28.31 27.47
N GLY A 418 -22.72 29.00 28.43
CA GLY A 418 -24.03 28.60 28.91
C GLY A 418 -25.10 29.58 28.47
N ALA A 419 -26.25 29.07 28.05
CA ALA A 419 -27.34 29.92 27.61
C ALA A 419 -28.68 29.26 27.94
N GLY A 420 -29.31 29.70 29.04
CA GLY A 420 -30.56 29.08 29.44
C GLY A 420 -30.31 27.59 29.61
N ASP A 421 -31.11 26.75 28.96
CA ASP A 421 -30.92 25.31 29.06
C ASP A 421 -29.90 24.77 28.03
N PHE A 422 -29.21 25.64 27.32
CA PHE A 422 -28.24 25.18 26.33
C PHE A 422 -26.77 25.35 26.78
N ARG A 423 -25.89 24.70 26.04
CA ARG A 423 -24.45 24.75 26.29
C ARG A 423 -23.77 24.88 24.91
N LEU A 424 -22.81 25.81 24.76
CA LEU A 424 -22.15 25.99 23.47
C LEU A 424 -20.63 25.87 23.57
N LYS A 425 -19.98 25.60 22.43
CA LYS A 425 -18.53 25.46 22.40
C LYS A 425 -17.81 26.23 21.28
N ALA A 426 -16.56 26.55 21.55
CA ALA A 426 -15.68 27.25 20.61
C ALA A 426 -14.25 26.76 20.87
N ARG A 427 -13.52 26.46 19.81
CA ARG A 427 -12.14 25.97 19.93
C ARG A 427 -11.15 26.80 19.14
N GLY A 428 -9.92 26.88 19.66
CA GLY A 428 -8.88 27.64 18.99
C GLY A 428 -7.52 27.01 19.21
N ARG A 429 -6.50 27.51 18.50
CA ARG A 429 -5.16 26.97 18.64
C ARG A 429 -4.14 27.95 18.09
N ILE A 430 -2.97 28.01 18.72
CA ILE A 430 -1.90 28.90 18.29
C ILE A 430 -0.58 28.13 18.27
N LEU A 431 0.16 28.21 17.16
CA LEU A 431 1.43 27.53 17.03
C LEU A 431 2.51 28.17 17.90
N ARG A 432 3.24 27.35 18.65
CA ARG A 432 4.34 27.81 19.52
C ARG A 432 5.70 27.47 18.92
N PHE A 433 5.84 26.26 18.40
CA PHE A 433 7.09 25.78 17.79
C PHE A 433 6.72 24.89 16.60
N ASP A 434 7.10 25.29 15.39
CA ASP A 434 6.77 24.51 14.20
C ASP A 434 7.38 23.10 14.14
N GLY A 435 8.51 22.89 14.79
CA GLY A 435 9.14 21.57 14.82
C GLY A 435 9.30 20.88 13.49
N TRP A 436 8.92 19.60 13.43
CA TRP A 436 9.06 18.85 12.18
C TRP A 436 8.36 19.50 10.98
N THR A 437 7.32 20.31 11.22
CA THR A 437 6.64 20.94 10.09
C THR A 437 7.52 21.99 9.39
N LYS A 438 8.73 22.24 9.89
CA LYS A 438 9.61 23.23 9.26
C LYS A 438 9.97 22.83 7.82
N VAL A 439 10.14 21.54 7.55
CA VAL A 439 10.50 21.09 6.19
C VAL A 439 9.36 20.86 5.22
N MET A 440 8.16 21.30 5.57
CA MET A 440 7.00 21.13 4.70
C MET A 440 6.66 22.53 4.18
N PRO A 441 5.96 22.63 3.04
CA PRO A 441 5.63 23.97 2.54
C PRO A 441 4.97 24.86 3.57
N ALA A 442 5.43 26.10 3.63
CA ALA A 442 4.90 27.07 4.57
C ALA A 442 3.38 27.19 4.40
N LEU A 443 2.66 27.20 5.51
CA LEU A 443 1.20 27.28 5.52
C LEU A 443 0.56 28.38 4.67
N ARG A 444 -0.55 28.00 4.02
CA ARG A 444 -1.31 28.91 3.17
C ARG A 444 -1.50 30.27 3.85
N GLU A 448 -2.85 30.10 10.34
CA GLU A 448 -3.88 29.11 10.08
C GLU A 448 -5.08 29.31 11.01
N ASP A 449 -6.23 29.63 10.43
CA ASP A 449 -7.50 29.87 11.15
C ASP A 449 -7.56 29.47 12.62
N ARG A 450 -7.80 30.46 13.48
CA ARG A 450 -7.84 30.21 14.91
C ARG A 450 -8.15 31.50 15.67
N ILE A 451 -7.36 31.74 16.71
CA ILE A 451 -7.46 32.90 17.59
C ILE A 451 -8.87 33.27 18.05
N LEU A 452 -9.18 32.92 19.29
CA LEU A 452 -10.45 33.24 19.88
C LEU A 452 -10.19 34.48 20.72
N PRO A 453 -11.11 35.45 20.72
CA PRO A 453 -10.87 36.66 21.52
C PRO A 453 -10.60 36.34 22.99
N ALA A 454 -10.10 37.32 23.73
CA ALA A 454 -9.80 37.13 25.14
C ALA A 454 -11.08 37.15 25.96
N VAL A 455 -11.27 36.12 26.79
CA VAL A 455 -12.46 36.03 27.64
C VAL A 455 -12.21 35.25 28.93
N ASN A 456 -12.77 35.76 30.03
CA ASN A 456 -12.63 35.16 31.35
C ASN A 456 -13.88 34.40 31.78
N LYS A 457 -13.68 33.31 32.51
CA LYS A 457 -14.79 32.51 32.99
C LYS A 457 -15.77 33.34 33.80
N GLY A 458 -16.92 33.65 33.20
CA GLY A 458 -17.93 34.42 33.90
C GLY A 458 -18.40 35.67 33.19
N ASP A 459 -17.72 36.05 32.10
CA ASP A 459 -18.11 37.24 31.37
C ASP A 459 -19.40 37.08 30.56
N ALA A 460 -20.06 38.19 30.30
CA ALA A 460 -21.30 38.17 29.55
C ALA A 460 -21.07 38.39 28.06
N LEU A 461 -21.64 37.52 27.24
CA LEU A 461 -21.50 37.66 25.81
C LEU A 461 -22.85 38.23 25.35
N THR A 462 -22.87 38.96 24.24
CA THR A 462 -24.12 39.51 23.73
C THR A 462 -24.42 38.77 22.43
N LEU A 463 -25.67 38.36 22.24
CA LEU A 463 -26.02 37.63 21.01
C LEU A 463 -26.14 38.58 19.84
N VAL A 464 -25.58 38.20 18.70
CA VAL A 464 -25.64 39.05 17.51
C VAL A 464 -26.55 38.47 16.43
N GLU A 465 -26.42 37.18 16.19
CA GLU A 465 -27.22 36.52 15.16
C GLU A 465 -27.20 35.01 15.33
N LEU A 466 -28.26 34.34 14.88
CA LEU A 466 -28.35 32.88 14.96
C LEU A 466 -28.44 32.32 13.54
N THR A 467 -27.65 31.29 13.24
CA THR A 467 -27.68 30.72 11.90
C THR A 467 -27.88 29.22 11.94
N PRO A 468 -29.11 28.76 11.65
CA PRO A 468 -29.38 27.33 11.65
C PRO A 468 -28.95 26.75 10.29
N ALA A 469 -28.49 25.50 10.29
CA ALA A 469 -28.06 24.86 9.05
C ALA A 469 -28.53 23.41 8.94
N GLN A 470 -29.15 23.08 7.81
CA GLN A 470 -29.62 21.72 7.60
C GLN A 470 -28.53 20.87 7.01
N HIS A 471 -28.39 19.65 7.51
CA HIS A 471 -27.39 18.76 6.99
C HIS A 471 -27.92 17.45 6.41
N PHE A 472 -27.00 16.51 6.19
CA PHE A 472 -27.33 15.28 5.49
C PHE A 472 -26.29 14.16 5.77
N THR A 473 -26.72 12.99 6.24
CA THR A 473 -25.77 11.91 6.47
C THR A 473 -25.17 11.52 5.12
N LYS A 474 -23.94 11.01 5.13
CA LYS A 474 -23.28 10.62 3.89
C LYS A 474 -23.02 9.12 3.75
N PRO A 475 -23.14 8.60 2.52
CA PRO A 475 -22.93 7.18 2.22
C PRO A 475 -21.45 6.85 2.14
N PRO A 476 -21.05 5.66 2.60
CA PRO A 476 -19.65 5.23 2.57
C PRO A 476 -18.91 5.66 1.31
N ALA A 477 -17.74 6.25 1.48
CA ALA A 477 -16.95 6.70 0.35
C ALA A 477 -16.56 5.54 -0.58
N ARG A 478 -16.21 5.86 -1.83
CA ARG A 478 -15.81 4.85 -2.81
C ARG A 478 -14.30 4.62 -2.80
N PHE A 479 -13.88 3.36 -2.82
CA PHE A 479 -12.45 3.05 -2.82
C PHE A 479 -11.71 3.81 -3.91
N SER A 480 -10.39 3.81 -3.79
CA SER A 480 -9.48 4.42 -4.75
C SER A 480 -8.31 3.46 -4.76
N GLU A 481 -7.40 3.59 -5.72
CA GLU A 481 -6.24 2.69 -5.76
C GLU A 481 -5.45 2.86 -4.45
N ALA A 482 -5.81 3.89 -3.69
CA ALA A 482 -5.15 4.19 -2.43
C ALA A 482 -5.82 3.41 -1.30
N SER A 483 -7.08 3.76 -1.01
CA SER A 483 -7.83 3.11 0.04
C SER A 483 -7.96 1.60 -0.15
N LEU A 484 -7.76 1.11 -1.37
CA LEU A 484 -7.88 -0.32 -1.63
C LEU A 484 -6.61 -1.08 -1.21
N VAL A 485 -5.44 -0.51 -1.52
CA VAL A 485 -4.19 -1.14 -1.12
C VAL A 485 -4.23 -1.12 0.42
N LYS A 486 -4.71 0.00 0.95
CA LYS A 486 -4.84 0.23 2.38
C LYS A 486 -5.67 -0.92 3.00
N GLU A 487 -6.87 -1.11 2.46
CA GLU A 487 -7.79 -2.16 2.90
C GLU A 487 -7.19 -3.53 2.68
N LEU A 488 -6.48 -3.70 1.57
CA LEU A 488 -5.86 -4.97 1.27
C LEU A 488 -4.82 -5.29 2.31
N GLU A 489 -4.03 -4.28 2.69
CA GLU A 489 -2.99 -4.47 3.71
C GLU A 489 -3.63 -4.75 5.08
N LYS A 490 -4.59 -3.91 5.44
CA LYS A 490 -5.30 -4.03 6.70
C LYS A 490 -5.82 -5.45 6.92
N ARG A 491 -6.27 -6.10 5.85
CA ARG A 491 -6.81 -7.44 5.97
C ARG A 491 -5.79 -8.57 5.78
N GLY A 492 -4.53 -8.19 5.59
CA GLY A 492 -3.47 -9.17 5.40
C GLY A 492 -3.57 -9.95 4.11
N ILE A 493 -4.18 -9.35 3.10
CA ILE A 493 -4.33 -10.00 1.80
C ILE A 493 -3.23 -9.58 0.82
N GLY A 494 -2.94 -8.29 0.76
CA GLY A 494 -1.89 -7.87 -0.16
C GLY A 494 -0.50 -8.41 0.11
N ARG A 495 0.51 -7.66 -0.34
CA ARG A 495 1.92 -7.97 -0.17
C ARG A 495 2.70 -6.94 -0.98
N PRO A 496 3.67 -6.28 -0.35
CA PRO A 496 4.50 -5.26 -1.00
C PRO A 496 4.74 -5.47 -2.47
N SER A 497 5.17 -6.67 -2.85
CA SER A 497 5.46 -6.93 -4.25
C SER A 497 4.27 -7.33 -5.10
N THR A 498 3.06 -7.30 -4.55
CA THR A 498 1.88 -7.69 -5.34
C THR A 498 0.78 -6.64 -5.43
N TYR A 499 0.69 -5.76 -4.45
CA TYR A 499 -0.35 -4.73 -4.45
C TYR A 499 -0.58 -4.11 -5.83
N ALA A 500 0.51 -3.63 -6.46
CA ALA A 500 0.48 -2.96 -7.76
C ALA A 500 -0.18 -3.72 -8.91
N SER A 501 0.18 -4.99 -9.04
CA SER A 501 -0.38 -5.81 -10.10
C SER A 501 -1.81 -6.19 -9.78
N ILE A 502 -2.13 -6.30 -8.49
CA ILE A 502 -3.49 -6.65 -8.07
C ILE A 502 -4.43 -5.54 -8.51
N ILE A 503 -3.98 -4.30 -8.39
CA ILE A 503 -4.80 -3.15 -8.78
C ILE A 503 -4.97 -3.01 -10.29
N SER A 504 -3.95 -3.35 -11.07
CA SER A 504 -4.06 -3.23 -12.51
C SER A 504 -4.79 -4.43 -13.12
N THR A 505 -4.66 -5.59 -12.49
CA THR A 505 -5.33 -6.78 -12.98
C THR A 505 -6.86 -6.66 -12.94
N ILE A 506 -7.41 -6.50 -11.74
CA ILE A 506 -8.86 -6.38 -11.59
C ILE A 506 -9.46 -5.29 -12.47
N GLN A 507 -8.63 -4.55 -13.19
CA GLN A 507 -9.14 -3.45 -14.01
C GLN A 507 -9.37 -3.69 -15.50
N ASP A 508 -8.59 -4.57 -16.12
CA ASP A 508 -8.78 -4.77 -17.54
C ASP A 508 -9.54 -6.02 -17.94
N ARG A 509 -10.23 -6.61 -16.96
CA ARG A 509 -11.02 -7.80 -17.22
C ARG A 509 -12.51 -7.47 -17.16
N GLY A 510 -12.81 -6.20 -16.94
CA GLY A 510 -14.19 -5.77 -16.90
C GLY A 510 -14.98 -6.11 -15.65
N TYR A 511 -14.33 -6.08 -14.50
CA TYR A 511 -15.02 -6.37 -13.25
C TYR A 511 -15.24 -5.05 -12.53
N VAL A 512 -14.27 -4.15 -12.69
CA VAL A 512 -14.36 -2.84 -12.06
C VAL A 512 -13.65 -1.80 -12.94
N ARG A 513 -14.05 -0.54 -12.80
CA ARG A 513 -13.43 0.52 -13.59
C ARG A 513 -13.12 1.72 -12.71
N VAL A 514 -12.20 2.56 -13.18
CA VAL A 514 -11.80 3.74 -12.46
C VAL A 514 -12.21 5.00 -13.19
N GLU A 515 -13.20 5.71 -12.67
CA GLU A 515 -13.62 6.95 -13.29
C GLU A 515 -13.65 8.01 -12.21
N ASN A 516 -12.96 9.13 -12.46
CA ASN A 516 -12.88 10.24 -11.51
C ASN A 516 -12.05 9.78 -10.32
N ARG A 517 -11.00 9.04 -10.64
CA ARG A 517 -10.08 8.50 -9.65
C ARG A 517 -10.75 7.74 -8.50
N ARG A 518 -11.83 7.02 -8.81
CA ARG A 518 -12.54 6.21 -7.83
C ARG A 518 -12.98 4.88 -8.44
N PHE A 519 -13.20 3.87 -7.61
CA PHE A 519 -13.60 2.54 -8.09
C PHE A 519 -15.09 2.33 -8.23
N TYR A 520 -15.48 1.71 -9.36
CA TYR A 520 -16.86 1.38 -9.65
C TYR A 520 -16.99 -0.09 -10.02
N ALA A 521 -18.00 -0.75 -9.50
CA ALA A 521 -18.22 -2.16 -9.78
C ALA A 521 -19.08 -2.28 -11.04
N GLU A 522 -18.60 -3.05 -12.01
CA GLU A 522 -19.35 -3.26 -13.25
C GLU A 522 -20.37 -4.35 -12.97
N LYS A 523 -21.36 -4.48 -13.86
CA LYS A 523 -22.40 -5.50 -13.68
C LYS A 523 -21.73 -6.88 -13.63
N MET A 524 -20.95 -7.17 -14.66
CA MET A 524 -20.24 -8.43 -14.78
C MET A 524 -19.47 -8.79 -13.49
N GLY A 525 -18.95 -7.78 -12.80
CA GLY A 525 -18.23 -8.02 -11.56
C GLY A 525 -19.15 -8.56 -10.46
N GLU A 526 -20.37 -8.05 -10.39
CA GLU A 526 -21.30 -8.52 -9.39
C GLU A 526 -21.76 -9.92 -9.84
N ILE A 527 -21.93 -10.08 -11.15
CA ILE A 527 -22.37 -11.36 -11.73
C ILE A 527 -21.39 -12.51 -11.44
N VAL A 528 -20.09 -12.30 -11.64
CA VAL A 528 -19.09 -13.34 -11.40
C VAL A 528 -18.79 -13.51 -9.89
N THR A 529 -18.87 -12.43 -9.12
CA THR A 529 -18.60 -12.49 -7.68
C THR A 529 -19.68 -13.33 -6.94
N ASP A 530 -20.93 -13.27 -7.38
CA ASP A 530 -21.95 -14.08 -6.71
C ASP A 530 -21.72 -15.54 -7.08
N ARG A 531 -21.42 -15.83 -8.35
CA ARG A 531 -21.19 -17.20 -8.76
C ARG A 531 -20.05 -17.82 -7.95
N LEU A 532 -18.91 -17.13 -7.92
CA LEU A 532 -17.76 -17.64 -7.18
C LEU A 532 -18.08 -17.78 -5.69
N GLU A 533 -18.81 -16.81 -5.15
CA GLU A 533 -19.20 -16.81 -3.76
C GLU A 533 -20.10 -17.99 -3.39
N GLU A 534 -20.82 -18.52 -4.37
CA GLU A 534 -21.70 -19.64 -4.07
C GLU A 534 -21.08 -21.03 -4.28
N ASN A 535 -20.10 -21.12 -5.18
CA ASN A 535 -19.46 -22.41 -5.46
C ASN A 535 -17.97 -22.51 -5.11
N PHE A 536 -17.40 -21.44 -4.57
CA PHE A 536 -15.99 -21.44 -4.15
C PHE A 536 -15.88 -20.59 -2.89
N ARG A 537 -16.68 -20.93 -1.89
CA ARG A 537 -16.69 -20.20 -0.62
C ARG A 537 -15.32 -20.04 0.00
N GLU A 538 -14.59 -21.15 0.07
CA GLU A 538 -13.26 -21.17 0.66
C GLU A 538 -12.32 -20.22 -0.06
N LEU A 539 -12.34 -20.26 -1.38
CA LEU A 539 -11.48 -19.39 -2.16
C LEU A 539 -11.84 -17.90 -2.03
N MET A 540 -13.11 -17.59 -1.81
CA MET A 540 -13.54 -16.20 -1.67
C MET A 540 -13.47 -15.62 -0.25
N ASN A 541 -13.26 -16.49 0.74
CA ASN A 541 -13.20 -16.07 2.14
C ASN A 541 -11.99 -15.20 2.49
N TYR A 542 -12.21 -14.06 3.13
CA TYR A 542 -11.10 -13.18 3.49
C TYR A 542 -10.09 -13.77 4.48
N ASP A 543 -10.58 -14.44 5.52
CA ASP A 543 -9.65 -15.05 6.47
C ASP A 543 -8.74 -16.07 5.77
N PHE A 544 -9.34 -16.97 5.00
CA PHE A 544 -8.61 -18.01 4.30
C PHE A 544 -7.54 -17.55 3.32
N THR A 545 -7.75 -16.47 2.59
CA THR A 545 -6.71 -16.11 1.66
C THR A 545 -5.61 -15.42 2.44
N ALA A 546 -5.94 -14.88 3.61
CA ALA A 546 -4.92 -14.24 4.43
C ALA A 546 -4.07 -15.33 5.10
N GLN A 547 -4.71 -16.45 5.43
CA GLN A 547 -3.99 -17.56 6.06
C GLN A 547 -3.07 -18.21 5.00
N MET A 548 -3.39 -18.03 3.72
CA MET A 548 -2.53 -18.61 2.70
C MET A 548 -1.22 -17.86 2.69
N GLU A 549 -1.26 -16.56 2.98
CA GLU A 549 -0.05 -15.76 2.99
C GLU A 549 0.86 -16.25 4.11
N ASN A 550 0.28 -16.56 5.27
CA ASN A 550 1.07 -17.08 6.38
C ASN A 550 1.67 -18.44 5.97
N SER A 551 0.91 -19.24 5.21
CA SER A 551 1.40 -20.54 4.77
C SER A 551 2.63 -20.36 3.89
N LEU A 552 2.58 -19.38 2.99
CA LEU A 552 3.71 -19.10 2.12
C LEU A 552 4.93 -18.61 2.92
N ASP A 553 4.71 -17.83 3.98
CA ASP A 553 5.81 -17.37 4.81
C ASP A 553 6.46 -18.57 5.53
N GLN A 554 5.63 -19.50 6.00
CA GLN A 554 6.09 -20.70 6.70
C GLN A 554 7.01 -21.57 5.81
N VAL A 555 6.75 -21.58 4.50
CA VAL A 555 7.58 -22.34 3.56
C VAL A 555 8.93 -21.66 3.36
N ALA A 556 8.91 -20.33 3.33
CA ALA A 556 10.12 -19.51 3.18
C ALA A 556 11.04 -19.60 4.39
N ASN A 557 10.46 -19.85 5.57
CA ASN A 557 11.24 -19.97 6.81
C ASN A 557 11.51 -21.41 7.22
N HIS A 558 11.29 -22.36 6.31
CA HIS A 558 11.55 -23.77 6.57
C HIS A 558 10.65 -24.39 7.64
N GLU A 559 9.45 -23.84 7.80
CA GLU A 559 8.53 -24.38 8.80
C GLU A 559 7.40 -25.15 8.13
N ALA A 560 7.57 -25.44 6.85
CA ALA A 560 6.57 -26.15 6.07
C ALA A 560 7.24 -26.54 4.75
N GLU A 561 6.77 -27.63 4.14
CA GLU A 561 7.33 -28.13 2.86
C GLU A 561 6.40 -27.65 1.73
N TRP A 562 6.95 -27.08 0.66
CA TRP A 562 6.07 -26.54 -0.37
C TRP A 562 5.09 -27.50 -1.03
N LYS A 563 5.55 -28.70 -1.39
CA LYS A 563 4.67 -29.65 -2.05
C LYS A 563 3.51 -30.12 -1.19
N ALA A 564 3.75 -30.33 0.09
CA ALA A 564 2.69 -30.75 0.98
C ALA A 564 1.68 -29.60 1.05
N VAL A 565 2.17 -28.37 0.99
CA VAL A 565 1.26 -27.23 1.03
C VAL A 565 0.43 -27.16 -0.25
N LEU A 566 1.06 -27.36 -1.41
CA LEU A 566 0.29 -27.34 -2.65
C LEU A 566 -0.72 -28.50 -2.66
N ASP A 567 -0.36 -29.62 -2.05
CA ASP A 567 -1.27 -30.75 -2.02
C ASP A 567 -2.54 -30.38 -1.28
N HIS A 568 -2.39 -29.78 -0.10
CA HIS A 568 -3.54 -29.40 0.70
C HIS A 568 -4.42 -28.34 0.02
N PHE A 569 -3.78 -27.38 -0.63
CA PHE A 569 -4.52 -26.34 -1.33
C PHE A 569 -5.30 -26.98 -2.49
N PHE A 570 -4.64 -27.93 -3.17
CA PHE A 570 -5.26 -28.60 -4.32
C PHE A 570 -6.40 -29.53 -3.91
N SER A 571 -6.24 -30.16 -2.76
CA SER A 571 -7.27 -31.06 -2.26
C SER A 571 -8.55 -30.28 -1.99
N ASP A 572 -8.41 -29.11 -1.36
CA ASP A 572 -9.56 -28.25 -1.08
C ASP A 572 -10.07 -27.63 -2.38
N PHE A 573 -9.16 -27.32 -3.29
CA PHE A 573 -9.58 -26.71 -4.53
C PHE A 573 -10.40 -27.63 -5.44
N THR A 574 -9.97 -28.88 -5.62
CA THR A 574 -10.74 -29.76 -6.51
C THR A 574 -12.07 -30.18 -5.92
N GLN A 575 -12.16 -30.28 -4.61
CA GLN A 575 -13.45 -30.65 -4.02
C GLN A 575 -14.47 -29.56 -4.40
N GLN A 576 -14.05 -28.31 -4.33
CA GLN A 576 -14.94 -27.20 -4.68
C GLN A 576 -15.27 -27.22 -6.17
N LEU A 577 -14.26 -27.39 -7.02
CA LEU A 577 -14.45 -27.40 -8.48
C LEU A 577 -15.31 -28.51 -9.03
N ASP A 578 -15.39 -29.63 -8.32
CA ASP A 578 -16.21 -30.74 -8.76
C ASP A 578 -17.68 -30.38 -8.59
N LYS A 579 -18.04 -29.90 -7.40
CA LYS A 579 -19.42 -29.52 -7.14
C LYS A 579 -19.92 -28.48 -8.15
N ALA A 580 -19.05 -27.53 -8.53
CA ALA A 580 -19.41 -26.45 -9.44
C ALA A 580 -19.69 -26.85 -10.88
N GLU A 581 -19.05 -27.93 -11.33
CA GLU A 581 -19.22 -28.42 -12.69
C GLU A 581 -20.53 -29.15 -12.93
N LYS A 582 -21.14 -29.63 -11.85
CA LYS A 582 -22.39 -30.36 -11.95
C LYS A 582 -23.53 -29.46 -12.42
N ASP A 583 -24.70 -30.03 -12.67
CA ASP A 583 -25.84 -29.24 -13.11
C ASP A 583 -26.31 -28.49 -11.85
N PRO A 584 -27.00 -27.36 -12.03
CA PRO A 584 -27.48 -26.61 -10.88
C PRO A 584 -28.49 -27.34 -9.97
N GLU A 585 -29.23 -28.30 -10.50
CA GLU A 585 -30.18 -29.03 -9.65
C GLU A 585 -29.42 -30.07 -8.83
N GLU A 586 -28.13 -30.18 -9.08
CA GLU A 586 -27.26 -31.09 -8.32
C GLU A 586 -26.41 -30.19 -7.44
N GLY A 587 -26.62 -28.88 -7.57
CA GLY A 587 -25.87 -27.92 -6.77
C GLY A 587 -24.66 -27.32 -7.46
N GLY A 588 -24.69 -27.26 -8.79
CA GLY A 588 -23.56 -26.69 -9.52
C GLY A 588 -23.75 -25.20 -9.74
N MET A 589 -22.82 -24.57 -10.42
CA MET A 589 -22.88 -23.14 -10.68
C MET A 589 -24.09 -22.72 -11.52
N ARG A 590 -24.74 -21.62 -11.13
CA ARG A 590 -25.89 -21.09 -11.85
C ARG A 590 -25.48 -20.48 -13.19
N PRO A 591 -26.23 -20.80 -14.25
CA PRO A 591 -25.93 -20.28 -15.59
C PRO A 591 -26.49 -18.86 -15.70
N ASN A 592 -25.77 -17.99 -16.38
CA ASN A 592 -26.23 -16.60 -16.56
C ASN A 592 -27.34 -16.59 -17.61
N GLN A 593 -28.51 -17.13 -17.25
CA GLN A 593 -29.65 -17.21 -18.14
C GLN A 593 -30.88 -16.65 -17.43
N MET A 594 -31.86 -16.25 -18.24
CA MET A 594 -33.13 -15.72 -17.75
C MET A 594 -34.22 -16.45 -18.54
N VAL A 595 -34.61 -17.64 -18.06
CA VAL A 595 -35.62 -18.46 -18.73
C VAL A 595 -36.94 -17.72 -18.95
N LEU A 596 -37.42 -17.78 -20.19
CA LEU A 596 -38.65 -17.11 -20.66
C LEU A 596 -39.88 -17.16 -19.77
N THR A 597 -40.98 -16.65 -20.30
CA THR A 597 -42.26 -16.64 -19.59
C THR A 597 -42.67 -18.09 -19.35
#